data_1LHP
#
_entry.id   1LHP
#
_cell.length_a   59.800
_cell.length_b   94.400
_cell.length_c   128.200
_cell.angle_alpha   90.00
_cell.angle_beta   90.00
_cell.angle_gamma   90.00
#
_symmetry.space_group_name_H-M   'P 21 21 21'
#
loop_
_entity.id
_entity.type
_entity.pdbx_description
1 polymer 'Pyridoxal kinase'
2 water water
#
_entity_poly.entity_id   1
_entity_poly.type   'polypeptide(L)'
_entity_poly.pdbx_seq_one_letter_code
;MEEECRVLSIQSHVVRGYVGNRAATFPLQVLGFEVDAVNSVQFSNHTGYSHWKGQVLNSDELQELYDGLKLNHVNQYDYV
LTGYTRDKSFLAMVVDIVQELKQQNPRLVYVCDPVMGDQRNGEGAMYVPDDLLPVYREKVVPVADIITPNQFEAELLTGR
KIHSQEEALEVMDMLHSMGPDTVVITSSNLLSPRGSDYLMALGSQRTRAPDGSVVTQRIRMEMHKVDAVFVGTGDLFAAM
LLAWTHKHPNNLKVACEKTVSAMHHVLQRTIKCAKAKSGEGVKPSPAQLELRMVQSKKDIESPEIVVQATVL
;
_entity_poly.pdbx_strand_id   A,B
#
# COMPACT_ATOMS: atom_id res chain seq x y z
N GLU A 4 18.27 5.73 -4.92
CA GLU A 4 17.15 5.22 -4.07
C GLU A 4 16.83 6.22 -2.96
N CYS A 5 15.56 6.62 -2.86
CA CYS A 5 15.11 7.55 -1.83
C CYS A 5 14.09 6.83 -0.94
N ARG A 6 14.35 6.80 0.36
CA ARG A 6 13.47 6.13 1.31
C ARG A 6 12.68 7.10 2.17
N VAL A 7 11.36 6.90 2.20
CA VAL A 7 10.44 7.72 2.95
C VAL A 7 9.79 6.94 4.10
N LEU A 8 9.74 7.56 5.28
CA LEU A 8 9.06 6.96 6.43
C LEU A 8 7.78 7.79 6.56
N SER A 9 6.65 7.16 6.28
CA SER A 9 5.37 7.85 6.35
C SER A 9 4.56 7.29 7.51
N ILE A 10 4.15 8.16 8.42
CA ILE A 10 3.40 7.74 9.61
C ILE A 10 2.05 8.43 9.56
N GLN A 11 1.04 7.71 9.09
CA GLN A 11 -0.29 8.24 8.93
C GLN A 11 -1.33 7.13 9.01
N SER A 12 -2.59 7.50 8.93
CA SER A 12 -3.65 6.51 9.06
C SER A 12 -3.77 5.47 7.95
N HIS A 13 -4.41 4.36 8.28
CA HIS A 13 -4.66 3.34 7.28
C HIS A 13 -6.13 3.04 7.29
N VAL A 14 -6.78 3.06 6.11
CA VAL A 14 -8.19 2.66 6.02
C VAL A 14 -8.24 1.43 5.13
N VAL A 15 -9.12 0.50 5.44
CA VAL A 15 -9.27 -0.71 4.63
C VAL A 15 -9.73 -0.33 3.23
N ARG A 16 -10.75 0.51 3.17
CA ARG A 16 -11.30 0.94 1.89
C ARG A 16 -11.05 2.43 1.67
N GLY A 17 -10.82 2.84 0.43
CA GLY A 17 -10.66 4.27 0.18
C GLY A 17 -9.27 4.84 0.32
N TYR A 18 -9.19 6.15 0.22
CA TYR A 18 -7.91 6.82 0.27
C TYR A 18 -7.83 8.05 1.19
N VAL A 19 -7.04 7.91 2.24
CA VAL A 19 -6.79 8.99 3.18
C VAL A 19 -5.51 8.56 3.88
N GLY A 20 -4.76 9.52 4.43
CA GLY A 20 -3.55 9.18 5.15
C GLY A 20 -2.56 8.37 4.33
N ASN A 21 -2.03 7.29 4.91
CA ASN A 21 -1.06 6.47 4.18
C ASN A 21 -1.61 5.84 2.90
N ARG A 22 -2.92 5.67 2.81
CA ARG A 22 -3.52 5.08 1.59
C ARG A 22 -3.44 6.08 0.44
N ALA A 23 -3.56 7.35 0.77
CA ALA A 23 -3.50 8.41 -0.23
C ALA A 23 -2.06 8.79 -0.59
N ALA A 24 -1.12 8.50 0.31
CA ALA A 24 0.27 8.86 0.08
C ALA A 24 1.19 7.79 -0.49
N THR A 25 0.92 6.53 -0.17
CA THR A 25 1.81 5.44 -0.59
C THR A 25 1.88 5.15 -2.08
N PHE A 26 0.76 4.78 -2.70
CA PHE A 26 0.72 4.47 -4.14
C PHE A 26 1.40 5.55 -5.01
N PRO A 27 1.05 6.84 -4.83
CA PRO A 27 1.66 7.90 -5.63
C PRO A 27 3.19 7.91 -5.49
N LEU A 28 3.69 7.87 -4.26
CA LEU A 28 5.13 7.87 -4.05
C LEU A 28 5.77 6.62 -4.67
N GLN A 29 5.08 5.48 -4.58
CA GLN A 29 5.67 4.29 -5.16
C GLN A 29 5.78 4.36 -6.69
N VAL A 30 4.71 4.79 -7.37
CA VAL A 30 4.77 4.85 -8.83
C VAL A 30 5.77 5.88 -9.29
N LEU A 31 6.06 6.85 -8.42
CA LEU A 31 7.05 7.87 -8.72
C LEU A 31 8.47 7.42 -8.39
N GLY A 32 8.63 6.18 -7.93
CA GLY A 32 9.96 5.67 -7.67
C GLY A 32 10.57 5.73 -6.29
N PHE A 33 9.80 6.13 -5.28
CA PHE A 33 10.29 6.22 -3.90
C PHE A 33 10.04 4.95 -3.12
N GLU A 34 10.98 4.59 -2.24
CA GLU A 34 10.82 3.42 -1.39
C GLU A 34 10.04 3.96 -0.18
N VAL A 35 8.83 3.46 0.05
CA VAL A 35 8.00 3.93 1.16
C VAL A 35 7.81 2.92 2.28
N ASP A 36 8.23 3.29 3.49
CA ASP A 36 8.06 2.47 4.68
C ASP A 36 6.88 3.13 5.35
N ALA A 37 5.85 2.34 5.63
CA ALA A 37 4.63 2.87 6.18
C ALA A 37 4.26 2.39 7.58
N VAL A 38 4.21 3.33 8.51
CA VAL A 38 3.76 3.01 9.88
C VAL A 38 2.32 3.48 9.85
N ASN A 39 1.40 2.58 10.14
CA ASN A 39 -0.01 2.95 10.15
C ASN A 39 -0.40 3.30 11.58
N SER A 40 -0.68 4.58 11.79
CA SER A 40 -1.03 5.13 13.11
C SER A 40 -2.36 4.62 13.64
N VAL A 41 -3.21 4.14 12.74
CA VAL A 41 -4.50 3.56 13.12
C VAL A 41 -4.90 2.66 11.97
N GLN A 42 -5.92 1.85 12.19
CA GLN A 42 -6.46 1.02 11.11
C GLN A 42 -7.97 1.07 11.27
N PHE A 43 -8.63 1.74 10.34
CA PHE A 43 -10.08 1.85 10.37
C PHE A 43 -10.68 1.32 9.09
N SER A 44 -11.97 0.98 9.14
CA SER A 44 -12.67 0.44 7.98
C SER A 44 -12.74 1.46 6.83
N ASN A 45 -12.91 2.73 7.18
CA ASN A 45 -13.03 3.77 6.19
C ASN A 45 -12.91 5.13 6.87
N HIS A 46 -12.91 6.20 6.08
CA HIS A 46 -12.77 7.53 6.63
C HIS A 46 -14.05 8.08 7.28
N THR A 47 -13.94 9.22 7.97
CA THR A 47 -15.09 9.76 8.68
C THR A 47 -16.15 10.49 7.90
N GLY A 48 -16.09 10.43 6.57
CA GLY A 48 -17.11 11.05 5.75
C GLY A 48 -18.29 10.10 5.57
N TYR A 49 -18.13 8.84 5.95
CA TYR A 49 -19.20 7.83 5.86
C TYR A 49 -20.05 7.92 7.12
N SER A 50 -21.19 7.23 7.14
CA SER A 50 -22.06 7.25 8.31
C SER A 50 -21.55 6.42 9.49
N HIS A 51 -20.72 5.42 9.21
CA HIS A 51 -20.17 4.54 10.22
C HIS A 51 -18.68 4.30 10.02
N TRP A 52 -18.00 3.92 11.09
CA TRP A 52 -16.60 3.57 11.00
C TRP A 52 -16.22 2.78 12.23
N LYS A 53 -15.31 1.83 12.04
CA LYS A 53 -14.83 0.98 13.13
C LYS A 53 -13.34 0.74 12.92
N GLY A 54 -12.61 0.58 14.02
CA GLY A 54 -11.19 0.35 13.90
C GLY A 54 -10.50 0.50 15.23
N GLN A 55 -9.18 0.47 15.16
CA GLN A 55 -8.36 0.59 16.35
C GLN A 55 -7.23 1.61 16.19
N VAL A 56 -6.80 2.20 17.29
CA VAL A 56 -5.76 3.22 17.22
C VAL A 56 -4.44 2.70 17.78
N LEU A 57 -3.33 3.22 17.28
CA LEU A 57 -2.01 2.81 17.77
C LEU A 57 -1.61 3.88 18.78
N ASN A 58 -1.11 3.47 19.96
CA ASN A 58 -0.67 4.46 20.94
C ASN A 58 0.82 4.74 20.81
N SER A 59 1.28 5.82 21.44
CA SER A 59 2.68 6.22 21.36
C SER A 59 3.68 5.13 21.76
N ASP A 60 3.33 4.27 22.70
CA ASP A 60 4.23 3.20 23.11
C ASP A 60 4.38 2.17 21.97
N GLU A 61 3.28 1.89 21.29
CA GLU A 61 3.28 0.96 20.17
C GLU A 61 4.09 1.51 19.00
N LEU A 62 4.00 2.81 18.76
CA LEU A 62 4.77 3.44 17.69
C LEU A 62 6.26 3.31 18.04
N GLN A 63 6.60 3.50 19.31
CA GLN A 63 7.99 3.39 19.75
C GLN A 63 8.56 1.99 19.51
N GLU A 64 7.77 0.97 19.82
CA GLU A 64 8.20 -0.42 19.61
C GLU A 64 8.55 -0.68 18.15
N LEU A 65 7.66 -0.25 17.25
CA LEU A 65 7.88 -0.42 15.82
C LEU A 65 9.19 0.22 15.37
N TYR A 66 9.42 1.46 15.81
CA TYR A 66 10.65 2.17 15.47
C TYR A 66 11.87 1.42 16.04
N ASP A 67 11.77 0.99 17.28
CA ASP A 67 12.86 0.24 17.92
C ASP A 67 13.20 -1.01 17.10
N GLY A 68 12.19 -1.64 16.52
CA GLY A 68 12.45 -2.81 15.70
C GLY A 68 13.36 -2.44 14.54
N LEU A 69 13.12 -1.28 13.95
CA LEU A 69 13.92 -0.81 12.83
C LEU A 69 15.34 -0.48 13.33
N LYS A 70 15.40 0.19 14.48
CA LYS A 70 16.70 0.56 15.05
C LYS A 70 17.53 -0.69 15.41
N LEU A 71 16.90 -1.67 16.05
CA LEU A 71 17.60 -2.90 16.42
C LEU A 71 18.22 -3.58 15.20
N ASN A 72 17.57 -3.50 14.05
CA ASN A 72 18.10 -4.11 12.84
C ASN A 72 19.02 -3.18 12.06
N HIS A 73 19.23 -1.98 12.58
CA HIS A 73 20.09 -1.00 11.92
C HIS A 73 19.56 -0.62 10.54
N VAL A 74 18.25 -0.53 10.41
CA VAL A 74 17.66 -0.15 9.13
C VAL A 74 16.83 1.12 9.29
N ASN A 75 17.28 2.01 10.17
CA ASN A 75 16.57 3.26 10.39
C ASN A 75 17.28 4.42 9.70
N GLN A 76 17.60 4.23 8.42
CA GLN A 76 18.22 5.26 7.61
C GLN A 76 17.17 5.77 6.64
N TYR A 77 16.79 7.03 6.78
CA TYR A 77 15.79 7.60 5.89
C TYR A 77 16.24 8.89 5.26
N ASP A 78 15.62 9.21 4.12
CA ASP A 78 15.92 10.43 3.40
C ASP A 78 14.81 11.44 3.63
N TYR A 79 13.62 10.92 3.95
CA TYR A 79 12.45 11.74 4.19
C TYR A 79 11.56 11.11 5.26
N VAL A 80 10.82 11.98 5.94
CA VAL A 80 9.83 11.58 6.93
C VAL A 80 8.58 12.36 6.50
N LEU A 81 7.42 11.72 6.56
CA LEU A 81 6.18 12.35 6.15
C LEU A 81 5.06 12.11 7.16
N THR A 82 4.45 13.17 7.69
CA THR A 82 3.34 13.00 8.63
C THR A 82 2.22 13.95 8.28
N GLY A 83 1.05 13.68 8.84
CA GLY A 83 -0.11 14.51 8.57
C GLY A 83 -1.06 14.52 9.75
N TYR A 84 -2.32 14.16 9.51
CA TYR A 84 -3.34 14.15 10.56
C TYR A 84 -2.98 13.31 11.79
N THR A 85 -3.22 13.89 12.97
CA THR A 85 -2.98 13.24 14.26
C THR A 85 -3.91 13.88 15.29
N ARG A 86 -4.64 13.07 16.06
CA ARG A 86 -5.51 13.68 17.09
C ARG A 86 -5.00 13.38 18.48
N ASP A 87 -3.75 12.92 18.57
CA ASP A 87 -3.15 12.54 19.84
C ASP A 87 -1.82 13.26 20.10
N LYS A 88 -1.80 14.19 21.06
CA LYS A 88 -0.57 14.94 21.32
C LYS A 88 0.61 14.11 21.78
N SER A 89 0.35 12.99 22.43
CA SER A 89 1.43 12.15 22.89
C SER A 89 2.09 11.43 21.69
N PHE A 90 1.25 11.07 20.72
CA PHE A 90 1.71 10.37 19.52
C PHE A 90 2.61 11.34 18.76
N LEU A 91 2.13 12.57 18.64
CA LEU A 91 2.85 13.62 17.93
C LEU A 91 4.20 13.93 18.56
N ALA A 92 4.26 13.95 19.90
CA ALA A 92 5.52 14.23 20.58
C ALA A 92 6.53 13.11 20.29
N MET A 93 6.02 11.88 20.20
CA MET A 93 6.87 10.73 19.89
C MET A 93 7.45 10.90 18.48
N VAL A 94 6.62 11.38 17.55
CA VAL A 94 7.07 11.61 16.18
C VAL A 94 8.25 12.59 16.14
N VAL A 95 8.19 13.63 16.96
CA VAL A 95 9.26 14.60 16.99
C VAL A 95 10.57 13.95 17.46
N ASP A 96 10.50 13.17 18.54
CA ASP A 96 11.69 12.49 19.05
C ASP A 96 12.31 11.59 17.99
N ILE A 97 11.48 10.88 17.22
CA ILE A 97 11.99 10.00 16.19
C ILE A 97 12.65 10.81 15.08
N VAL A 98 12.02 11.90 14.67
CA VAL A 98 12.59 12.73 13.61
C VAL A 98 13.95 13.31 14.00
N GLN A 99 14.05 13.83 15.23
CA GLN A 99 15.31 14.41 15.70
C GLN A 99 16.44 13.38 15.66
N GLU A 100 16.14 12.16 16.12
CA GLU A 100 17.13 11.11 16.13
C GLU A 100 17.51 10.71 14.71
N LEU A 101 16.55 10.71 13.78
CA LEU A 101 16.85 10.36 12.40
C LEU A 101 17.71 11.41 11.72
N LYS A 102 17.49 12.67 12.09
CA LYS A 102 18.26 13.77 11.53
C LYS A 102 19.70 13.76 12.05
N GLN A 103 19.92 13.04 13.14
CA GLN A 103 21.24 12.92 13.74
C GLN A 103 22.17 12.06 12.90
N GLN A 104 21.67 10.95 12.37
CA GLN A 104 22.54 10.10 11.54
C GLN A 104 22.47 10.48 10.07
N ASN A 105 21.59 11.43 9.75
CA ASN A 105 21.45 11.94 8.39
C ASN A 105 20.92 13.35 8.46
N PRO A 106 21.83 14.34 8.54
CA PRO A 106 21.45 15.76 8.62
C PRO A 106 20.78 16.27 7.34
N ARG A 107 20.83 15.48 6.28
CA ARG A 107 20.19 15.89 5.04
C ARG A 107 18.73 15.41 4.93
N LEU A 108 18.26 14.73 5.96
CA LEU A 108 16.89 14.22 5.96
C LEU A 108 15.88 15.36 5.86
N VAL A 109 14.86 15.20 5.03
CA VAL A 109 13.83 16.22 4.87
C VAL A 109 12.54 15.76 5.53
N TYR A 110 12.00 16.59 6.43
CA TYR A 110 10.76 16.26 7.12
C TYR A 110 9.64 17.10 6.52
N VAL A 111 8.69 16.41 5.88
CA VAL A 111 7.53 17.05 5.25
C VAL A 111 6.35 16.88 6.21
N CYS A 112 5.74 17.99 6.58
CA CYS A 112 4.64 17.96 7.54
C CYS A 112 3.41 18.76 7.17
N ASP A 113 2.25 18.11 7.30
CA ASP A 113 0.97 18.75 7.05
C ASP A 113 0.38 18.84 8.47
N PRO A 114 0.46 20.03 9.11
CA PRO A 114 -0.04 20.28 10.48
C PRO A 114 -1.55 20.42 10.56
N VAL A 115 -2.27 19.30 10.42
CA VAL A 115 -3.72 19.31 10.43
C VAL A 115 -4.41 19.64 11.75
N MET A 116 -5.33 20.58 11.72
CA MET A 116 -6.07 20.97 12.91
C MET A 116 -7.50 21.27 12.47
N GLY A 117 -8.41 21.45 13.42
CA GLY A 117 -9.77 21.73 13.03
C GLY A 117 -10.63 20.49 12.91
N ASP A 118 -11.66 20.54 12.08
CA ASP A 118 -12.59 19.42 11.91
C ASP A 118 -12.52 18.70 10.56
N GLN A 119 -11.35 18.67 9.94
CA GLN A 119 -11.19 17.99 8.66
C GLN A 119 -11.53 16.51 8.77
N ARG A 120 -12.19 15.96 7.74
CA ARG A 120 -12.53 14.53 7.72
C ARG A 120 -11.21 13.78 7.70
N ASN A 121 -11.19 12.56 8.21
CA ASN A 121 -9.93 11.82 8.29
C ASN A 121 -10.15 10.31 8.39
N GLY A 122 -9.08 9.56 8.62
CA GLY A 122 -9.18 8.12 8.73
C GLY A 122 -8.91 7.60 10.13
N GLU A 123 -8.99 8.48 11.13
CA GLU A 123 -8.76 8.09 12.52
C GLU A 123 -10.03 8.10 13.38
N GLY A 124 -11.19 8.10 12.74
CA GLY A 124 -12.44 8.07 13.47
C GLY A 124 -12.70 9.22 14.44
N ALA A 125 -12.13 10.39 14.15
CA ALA A 125 -12.27 11.57 15.01
C ALA A 125 -13.13 12.66 14.37
N MET A 126 -13.84 13.42 15.20
CA MET A 126 -14.67 14.51 14.70
C MET A 126 -13.91 15.84 14.75
N TYR A 127 -12.86 15.89 15.57
CA TYR A 127 -12.07 17.12 15.70
C TYR A 127 -10.66 16.87 16.24
N VAL A 128 -9.74 17.77 15.93
CA VAL A 128 -8.38 17.66 16.45
C VAL A 128 -8.37 18.49 17.74
N PRO A 129 -7.98 17.91 18.88
CA PRO A 129 -7.96 18.66 20.15
C PRO A 129 -7.19 19.99 20.04
N ASP A 130 -7.74 21.04 20.63
CA ASP A 130 -7.09 22.35 20.57
C ASP A 130 -5.71 22.35 21.18
N ASP A 131 -5.48 21.42 22.11
CA ASP A 131 -4.19 21.34 22.79
C ASP A 131 -3.03 20.83 21.94
N LEU A 132 -3.28 20.51 20.67
CA LEU A 132 -2.18 20.07 19.82
C LEU A 132 -1.42 21.30 19.29
N LEU A 133 -2.11 22.44 19.21
CA LEU A 133 -1.51 23.69 18.70
C LEU A 133 -0.15 24.02 19.30
N PRO A 134 -0.03 24.07 20.64
CA PRO A 134 1.29 24.39 21.20
C PRO A 134 2.37 23.38 20.80
N VAL A 135 1.99 22.10 20.68
CA VAL A 135 2.97 21.08 20.30
C VAL A 135 3.45 21.30 18.84
N TYR A 136 2.54 21.67 17.94
CA TYR A 136 2.92 21.93 16.56
C TYR A 136 3.84 23.16 16.49
N ARG A 137 3.42 24.21 17.20
CA ARG A 137 4.16 25.46 17.22
C ARG A 137 5.55 25.36 17.83
N GLU A 138 5.67 24.71 18.99
CA GLU A 138 6.95 24.60 19.69
C GLU A 138 7.85 23.40 19.43
N LYS A 139 7.29 22.27 19.02
CA LYS A 139 8.15 21.11 18.78
C LYS A 139 8.21 20.64 17.32
N VAL A 140 7.06 20.55 16.65
CA VAL A 140 7.02 20.06 15.28
C VAL A 140 7.60 21.00 14.22
N VAL A 141 6.94 22.14 14.00
CA VAL A 141 7.38 23.10 12.99
C VAL A 141 8.88 23.42 13.02
N PRO A 142 9.44 23.66 14.22
CA PRO A 142 10.87 23.96 14.30
C PRO A 142 11.79 22.89 13.69
N VAL A 143 11.32 21.66 13.58
CA VAL A 143 12.18 20.61 13.00
C VAL A 143 11.75 20.22 11.59
N ALA A 144 10.62 20.78 11.15
CA ALA A 144 10.07 20.50 9.83
C ALA A 144 10.75 21.32 8.74
N ASP A 145 10.91 20.72 7.56
CA ASP A 145 11.54 21.39 6.42
C ASP A 145 10.54 21.91 5.39
N ILE A 146 9.46 21.16 5.20
CA ILE A 146 8.41 21.53 4.27
C ILE A 146 7.09 21.39 4.99
N ILE A 147 6.32 22.47 5.06
CA ILE A 147 5.01 22.41 5.70
C ILE A 147 3.93 22.86 4.72
N THR A 148 2.75 22.26 4.85
CA THR A 148 1.64 22.55 3.95
C THR A 148 0.37 22.96 4.68
N PRO A 149 0.42 24.02 5.50
CA PRO A 149 -0.80 24.42 6.21
C PRO A 149 -1.82 25.08 5.30
N ASN A 150 -3.10 24.99 5.64
CA ASN A 150 -4.10 25.70 4.88
C ASN A 150 -4.12 27.06 5.58
N GLN A 151 -4.95 27.99 5.14
CA GLN A 151 -4.97 29.31 5.76
C GLN A 151 -5.22 29.25 7.26
N PHE A 152 -6.32 28.60 7.65
CA PHE A 152 -6.73 28.45 9.03
C PHE A 152 -5.59 28.00 9.92
N GLU A 153 -4.84 27.01 9.46
CA GLU A 153 -3.72 26.47 10.21
C GLU A 153 -2.54 27.45 10.27
N ALA A 154 -2.28 28.15 9.17
CA ALA A 154 -1.18 29.11 9.14
C ALA A 154 -1.45 30.24 10.14
N GLU A 155 -2.72 30.60 10.31
CA GLU A 155 -3.10 31.66 11.26
C GLU A 155 -2.92 31.19 12.70
N LEU A 156 -3.33 29.96 12.98
CA LEU A 156 -3.18 29.41 14.33
C LEU A 156 -1.71 29.36 14.72
N LEU A 157 -0.88 28.87 13.83
CA LEU A 157 0.55 28.74 14.11
C LEU A 157 1.29 30.05 14.34
N THR A 158 0.80 31.15 13.76
CA THR A 158 1.49 32.44 13.90
C THR A 158 0.75 33.45 14.74
N GLY A 159 -0.47 33.13 15.14
CA GLY A 159 -1.26 34.04 15.95
C GLY A 159 -1.72 35.27 15.19
N ARG A 160 -1.55 35.25 13.87
CA ARG A 160 -1.98 36.37 13.03
C ARG A 160 -3.18 35.98 12.16
N LYS A 161 -3.81 36.98 11.57
CA LYS A 161 -4.95 36.75 10.69
C LYS A 161 -4.61 37.29 9.32
N ILE A 162 -4.96 36.53 8.28
CA ILE A 162 -4.68 36.95 6.92
C ILE A 162 -5.92 37.55 6.29
N HIS A 163 -5.82 38.83 5.90
CA HIS A 163 -6.95 39.53 5.27
C HIS A 163 -6.61 39.90 3.83
N SER A 164 -5.37 39.68 3.44
CA SER A 164 -4.92 40.02 2.09
C SER A 164 -3.71 39.19 1.70
N GLN A 165 -3.27 39.34 0.46
CA GLN A 165 -2.13 38.60 -0.06
C GLN A 165 -0.85 39.05 0.62
N GLU A 166 -0.77 40.33 0.95
CA GLU A 166 0.41 40.87 1.61
C GLU A 166 0.60 40.30 3.00
N GLU A 167 -0.49 40.16 3.75
CA GLU A 167 -0.40 39.61 5.08
C GLU A 167 -0.01 38.12 5.05
N ALA A 168 -0.41 37.43 3.98
CA ALA A 168 -0.09 36.01 3.83
C ALA A 168 1.42 35.84 3.68
N LEU A 169 2.04 36.66 2.84
CA LEU A 169 3.48 36.58 2.64
C LEU A 169 4.18 36.86 3.98
N GLU A 170 3.62 37.77 4.76
CA GLU A 170 4.19 38.09 6.07
C GLU A 170 4.06 36.87 6.98
N VAL A 171 2.90 36.22 6.94
CA VAL A 171 2.69 35.04 7.77
C VAL A 171 3.65 33.93 7.35
N MET A 172 3.86 33.78 6.04
CA MET A 172 4.77 32.75 5.55
C MET A 172 6.21 33.04 5.99
N ASP A 173 6.58 34.31 6.03
CA ASP A 173 7.92 34.66 6.45
C ASP A 173 8.15 34.27 7.91
N MET A 174 7.14 34.49 8.74
CA MET A 174 7.21 34.13 10.16
C MET A 174 7.39 32.62 10.27
N LEU A 175 6.70 31.87 9.41
CA LEU A 175 6.81 30.42 9.43
C LEU A 175 8.23 30.03 9.07
N HIS A 176 8.81 30.71 8.08
CA HIS A 176 10.21 30.41 7.73
C HIS A 176 11.12 30.62 8.95
N SER A 177 10.92 31.73 9.67
CA SER A 177 11.75 32.02 10.85
C SER A 177 11.61 30.93 11.90
N MET A 178 10.44 30.30 11.99
CA MET A 178 10.22 29.22 12.94
C MET A 178 11.01 27.96 12.56
N GLY A 179 11.42 27.85 11.29
CA GLY A 179 12.18 26.69 10.88
C GLY A 179 12.17 26.21 9.43
N PRO A 180 11.01 25.79 8.90
CA PRO A 180 10.91 25.31 7.51
C PRO A 180 11.31 26.27 6.40
N ASP A 181 12.15 25.78 5.48
CA ASP A 181 12.60 26.57 4.34
C ASP A 181 11.59 26.61 3.20
N THR A 182 10.62 25.70 3.23
CA THR A 182 9.58 25.67 2.20
C THR A 182 8.23 25.68 2.85
N VAL A 183 7.40 26.61 2.44
CA VAL A 183 6.07 26.75 3.00
C VAL A 183 5.07 26.89 1.88
N VAL A 184 3.95 26.18 2.00
CA VAL A 184 2.90 26.26 1.01
C VAL A 184 1.57 26.36 1.73
N ILE A 185 0.84 27.45 1.49
CA ILE A 185 -0.48 27.62 2.08
C ILE A 185 -1.38 27.04 0.99
N THR A 186 -1.72 25.76 1.16
CA THR A 186 -2.53 24.98 0.22
C THR A 186 -3.87 25.57 -0.21
N SER A 187 -4.54 26.26 0.69
CA SER A 187 -5.81 26.89 0.31
C SER A 187 -6.05 28.05 1.23
N SER A 188 -6.77 29.04 0.73
CA SER A 188 -7.07 30.23 1.51
C SER A 188 -8.42 30.78 1.09
N ASN A 189 -8.91 31.77 1.82
CA ASN A 189 -10.18 32.39 1.49
C ASN A 189 -9.95 33.71 0.76
N LEU A 190 -8.70 33.94 0.37
CA LEU A 190 -8.35 35.14 -0.36
C LEU A 190 -9.00 35.09 -1.74
N LEU A 191 -9.72 36.14 -2.08
CA LEU A 191 -10.39 36.21 -3.36
C LEU A 191 -9.36 36.40 -4.46
N SER A 192 -9.25 35.38 -5.32
CA SER A 192 -8.32 35.42 -6.43
C SER A 192 -8.69 36.55 -7.37
N PRO A 193 -7.67 37.25 -7.91
CA PRO A 193 -7.94 38.35 -8.83
C PRO A 193 -8.39 37.81 -10.19
N ARG A 194 -8.38 36.49 -10.34
CA ARG A 194 -8.79 35.85 -11.60
C ARG A 194 -10.25 35.45 -11.58
N GLY A 195 -10.81 35.36 -10.39
CA GLY A 195 -12.22 34.99 -10.26
C GLY A 195 -12.53 34.43 -8.88
N SER A 196 -13.82 34.50 -8.51
CA SER A 196 -14.27 34.01 -7.22
C SER A 196 -14.43 32.49 -7.13
N ASP A 197 -14.31 31.80 -8.25
CA ASP A 197 -14.45 30.35 -8.25
C ASP A 197 -13.11 29.61 -8.26
N TYR A 198 -12.03 30.37 -8.20
CA TYR A 198 -10.70 29.77 -8.17
C TYR A 198 -10.17 29.77 -6.75
N LEU A 199 -9.54 28.67 -6.35
CA LEU A 199 -8.95 28.58 -5.04
C LEU A 199 -7.53 29.07 -5.21
N MET A 200 -7.08 29.92 -4.28
CA MET A 200 -5.74 30.48 -4.35
C MET A 200 -4.76 29.76 -3.43
N ALA A 201 -3.57 29.47 -3.94
CA ALA A 201 -2.52 28.82 -3.17
C ALA A 201 -1.27 29.69 -3.23
N LEU A 202 -0.52 29.75 -2.15
CA LEU A 202 0.70 30.54 -2.09
C LEU A 202 1.87 29.68 -1.68
N GLY A 203 3.01 29.90 -2.32
CA GLY A 203 4.19 29.13 -2.00
C GLY A 203 5.40 30.02 -1.79
N SER A 204 6.24 29.63 -0.81
CA SER A 204 7.44 30.39 -0.50
C SER A 204 8.60 29.44 -0.20
N GLN A 205 9.75 29.69 -0.80
CA GLN A 205 10.92 28.87 -0.59
C GLN A 205 12.22 29.65 -0.38
N ARG A 206 12.81 29.50 0.80
CA ARG A 206 14.08 30.16 1.09
C ARG A 206 15.20 29.24 0.61
N THR A 207 15.97 29.71 -0.36
CA THR A 207 17.08 28.93 -0.89
C THR A 207 18.40 29.52 -0.42
N ARG A 208 19.30 28.64 0.01
CA ARG A 208 20.61 29.04 0.50
C ARG A 208 20.50 29.87 1.77
N GLY A 212 25.54 35.67 1.18
CA GLY A 212 25.12 35.74 2.58
C GLY A 212 23.63 35.92 2.74
N SER A 213 23.00 36.60 1.78
CA SER A 213 21.56 36.83 1.83
C SER A 213 20.82 35.66 1.18
N VAL A 214 19.91 35.04 1.93
CA VAL A 214 19.14 33.93 1.42
C VAL A 214 18.08 34.46 0.45
N VAL A 215 18.05 33.91 -0.76
CA VAL A 215 17.08 34.31 -1.75
C VAL A 215 15.73 33.59 -1.53
N THR A 216 14.65 34.34 -1.56
CA THR A 216 13.32 33.78 -1.36
C THR A 216 12.59 33.75 -2.69
N GLN A 217 11.98 32.61 -3.02
CA GLN A 217 11.21 32.44 -4.26
C GLN A 217 9.75 32.34 -3.81
N ARG A 218 8.92 33.27 -4.29
CA ARG A 218 7.50 33.28 -3.92
C ARG A 218 6.63 33.10 -5.15
N ILE A 219 5.57 32.31 -4.99
CA ILE A 219 4.66 32.05 -6.09
C ILE A 219 3.20 32.00 -5.63
N ARG A 220 2.31 32.17 -6.60
CA ARG A 220 0.88 32.11 -6.35
C ARG A 220 0.27 31.23 -7.45
N MET A 221 -0.73 30.45 -7.09
CA MET A 221 -1.40 29.56 -8.05
C MET A 221 -2.89 29.60 -7.82
N GLU A 222 -3.64 29.31 -8.88
CA GLU A 222 -5.10 29.32 -8.78
C GLU A 222 -5.69 28.14 -9.55
N MET A 223 -6.56 27.40 -8.88
CA MET A 223 -7.21 26.24 -9.49
C MET A 223 -8.70 26.45 -9.32
N HIS A 224 -9.49 26.13 -10.34
CA HIS A 224 -10.92 26.28 -10.25
C HIS A 224 -11.44 25.27 -9.23
N LYS A 225 -12.39 25.66 -8.39
CA LYS A 225 -12.92 24.73 -7.39
C LYS A 225 -13.64 23.59 -8.08
N VAL A 226 -13.81 22.49 -7.36
CA VAL A 226 -14.51 21.34 -7.89
C VAL A 226 -15.83 21.23 -7.15
N ASP A 227 -16.87 20.85 -7.88
CA ASP A 227 -18.23 20.70 -7.39
C ASP A 227 -18.48 19.49 -6.47
N ALA A 228 -17.70 19.36 -5.40
CA ALA A 228 -17.87 18.22 -4.48
C ALA A 228 -16.95 18.26 -3.26
N VAL A 229 -17.23 17.40 -2.29
CA VAL A 229 -16.39 17.34 -1.11
C VAL A 229 -15.57 16.06 -1.16
N PHE A 230 -14.24 16.19 -1.11
CA PHE A 230 -13.37 15.03 -1.14
C PHE A 230 -12.64 14.88 0.18
N VAL A 231 -12.19 13.66 0.47
CA VAL A 231 -11.41 13.39 1.67
C VAL A 231 -10.06 12.85 1.22
N GLY A 232 -9.00 13.25 1.93
CA GLY A 232 -7.65 12.80 1.61
C GLY A 232 -6.85 13.62 0.60
N THR A 233 -7.43 14.70 0.07
CA THR A 233 -6.74 15.52 -0.92
C THR A 233 -5.48 16.18 -0.34
N GLY A 234 -5.54 16.57 0.94
CA GLY A 234 -4.39 17.18 1.59
C GLY A 234 -3.25 16.18 1.75
N ASP A 235 -3.61 14.92 2.00
CA ASP A 235 -2.60 13.87 2.14
C ASP A 235 -1.94 13.58 0.77
N LEU A 236 -2.76 13.54 -0.28
CA LEU A 236 -2.24 13.28 -1.63
C LEU A 236 -1.33 14.44 -2.07
N PHE A 237 -1.77 15.66 -1.81
CA PHE A 237 -1.01 16.85 -2.18
C PHE A 237 0.40 16.83 -1.57
N ALA A 238 0.49 16.64 -0.26
CA ALA A 238 1.78 16.63 0.44
C ALA A 238 2.75 15.55 -0.07
N ALA A 239 2.21 14.36 -0.37
CA ALA A 239 3.01 13.24 -0.88
C ALA A 239 3.57 13.59 -2.25
N MET A 240 2.75 14.16 -3.13
CA MET A 240 3.26 14.48 -4.45
C MET A 240 4.23 15.68 -4.44
N LEU A 241 4.00 16.62 -3.54
CA LEU A 241 4.90 17.78 -3.42
C LEU A 241 6.29 17.27 -3.00
N LEU A 242 6.32 16.28 -2.11
CA LEU A 242 7.56 15.67 -1.64
C LEU A 242 8.32 15.18 -2.85
N ALA A 243 7.64 14.38 -3.67
CA ALA A 243 8.25 13.82 -4.87
C ALA A 243 8.79 14.86 -5.85
N TRP A 244 7.98 15.87 -6.20
CA TRP A 244 8.41 16.89 -7.14
C TRP A 244 9.44 17.88 -6.60
N THR A 245 9.41 18.18 -5.31
CA THR A 245 10.44 19.10 -4.78
C THR A 245 11.77 18.35 -4.79
N HIS A 246 11.71 17.02 -4.73
CA HIS A 246 12.95 16.25 -4.74
C HIS A 246 13.54 16.21 -6.15
N LYS A 247 12.67 16.23 -7.15
CA LYS A 247 13.15 16.23 -8.52
C LYS A 247 13.53 17.64 -8.98
N HIS A 248 12.98 18.66 -8.32
CA HIS A 248 13.23 20.07 -8.66
C HIS A 248 13.55 20.82 -7.36
N PRO A 249 14.66 20.44 -6.70
CA PRO A 249 15.09 21.05 -5.43
C PRO A 249 15.15 22.56 -5.38
N ASN A 250 15.57 23.20 -6.46
CA ASN A 250 15.67 24.65 -6.45
C ASN A 250 14.65 25.38 -7.29
N ASN A 251 13.55 24.70 -7.63
CA ASN A 251 12.51 25.34 -8.46
C ASN A 251 11.10 25.05 -7.92
N LEU A 252 10.69 25.76 -6.89
CA LEU A 252 9.38 25.56 -6.30
C LEU A 252 8.26 25.75 -7.33
N LYS A 253 8.50 26.58 -8.33
CA LYS A 253 7.49 26.88 -9.36
C LYS A 253 7.10 25.63 -10.15
N VAL A 254 8.08 24.92 -10.68
CA VAL A 254 7.82 23.72 -11.44
C VAL A 254 7.23 22.62 -10.54
N ALA A 255 7.82 22.47 -9.35
CA ALA A 255 7.34 21.48 -8.37
C ALA A 255 5.85 21.63 -8.11
N CYS A 256 5.41 22.86 -7.86
CA CYS A 256 3.99 23.11 -7.57
C CYS A 256 3.10 22.98 -8.79
N GLU A 257 3.61 23.37 -9.97
CA GLU A 257 2.80 23.28 -11.19
C GLU A 257 2.51 21.82 -11.50
N LYS A 258 3.51 20.96 -11.30
CA LYS A 258 3.32 19.54 -11.54
C LYS A 258 2.42 18.93 -10.46
N THR A 259 2.62 19.32 -9.22
CA THR A 259 1.80 18.80 -8.14
C THR A 259 0.33 19.23 -8.28
N VAL A 260 0.09 20.51 -8.54
CA VAL A 260 -1.28 20.99 -8.70
C VAL A 260 -1.92 20.41 -9.97
N SER A 261 -1.15 20.28 -11.05
CA SER A 261 -1.73 19.70 -12.26
C SER A 261 -2.21 18.26 -12.00
N ALA A 262 -1.36 17.46 -11.35
CA ALA A 262 -1.68 16.06 -11.04
C ALA A 262 -2.96 16.02 -10.22
N MET A 263 -3.05 16.93 -9.25
CA MET A 263 -4.21 17.04 -8.40
C MET A 263 -5.46 17.23 -9.28
N HIS A 264 -5.38 18.18 -10.21
CA HIS A 264 -6.50 18.44 -11.12
C HIS A 264 -6.95 17.20 -11.89
N HIS A 265 -6.00 16.46 -12.45
CA HIS A 265 -6.33 15.27 -13.21
C HIS A 265 -7.04 14.22 -12.35
N VAL A 266 -6.52 14.00 -11.15
CA VAL A 266 -7.15 13.03 -10.27
C VAL A 266 -8.54 13.48 -9.84
N LEU A 267 -8.71 14.75 -9.48
CA LEU A 267 -10.02 15.22 -9.06
C LEU A 267 -11.06 15.20 -10.17
N GLN A 268 -10.67 15.59 -11.38
CA GLN A 268 -11.59 15.58 -12.52
C GLN A 268 -12.06 14.17 -12.85
N ARG A 269 -11.15 13.21 -12.85
CA ARG A 269 -11.52 11.83 -13.13
C ARG A 269 -12.43 11.30 -12.02
N THR A 270 -12.14 11.70 -10.79
CA THR A 270 -12.95 11.24 -9.68
C THR A 270 -14.38 11.75 -9.72
N ILE A 271 -14.56 13.04 -9.96
CA ILE A 271 -15.91 13.59 -10.00
C ILE A 271 -16.70 13.04 -11.19
N LYS A 272 -16.04 12.92 -12.34
CA LYS A 272 -16.71 12.39 -13.52
C LYS A 272 -17.21 10.98 -13.27
N CYS A 273 -16.37 10.13 -12.68
CA CYS A 273 -16.76 8.75 -12.37
C CYS A 273 -17.90 8.71 -11.34
N ALA A 274 -17.81 9.57 -10.31
CA ALA A 274 -18.84 9.63 -9.26
C ALA A 274 -20.21 9.98 -9.84
N LYS A 275 -20.26 10.97 -10.72
CA LYS A 275 -21.53 11.37 -11.30
C LYS A 275 -22.10 10.31 -12.24
N ALA A 276 -21.23 9.53 -12.87
CA ALA A 276 -21.64 8.48 -13.79
C ALA A 276 -22.23 7.27 -13.05
N LYS A 277 -21.75 7.02 -11.84
CA LYS A 277 -22.23 5.89 -11.06
C LYS A 277 -23.48 6.22 -10.26
N SER A 278 -23.74 7.50 -10.04
CA SER A 278 -24.92 7.89 -9.28
C SER A 278 -26.10 8.08 -10.21
N GLY A 279 -27.31 7.93 -9.67
CA GLY A 279 -28.50 8.08 -10.49
C GLY A 279 -28.59 9.49 -11.05
N GLU A 280 -29.43 9.68 -12.05
CA GLU A 280 -29.58 11.01 -12.64
C GLU A 280 -30.08 12.02 -11.61
N GLY A 281 -29.44 13.18 -11.58
CA GLY A 281 -29.85 14.22 -10.65
C GLY A 281 -29.71 13.80 -9.21
N VAL A 282 -28.80 12.86 -8.96
CA VAL A 282 -28.56 12.41 -7.60
C VAL A 282 -27.14 12.83 -7.24
N LYS A 283 -26.97 13.44 -6.07
CA LYS A 283 -25.65 13.86 -5.62
C LYS A 283 -24.85 12.61 -5.28
N PRO A 284 -23.59 12.53 -5.75
CA PRO A 284 -22.74 11.37 -5.46
C PRO A 284 -22.55 11.25 -3.95
N SER A 285 -22.48 10.02 -3.46
CA SER A 285 -22.28 9.77 -2.02
C SER A 285 -20.76 9.71 -1.72
N PRO A 286 -20.38 9.79 -0.44
CA PRO A 286 -18.95 9.73 -0.12
C PRO A 286 -18.28 8.44 -0.61
N ALA A 287 -19.02 7.33 -0.60
CA ALA A 287 -18.48 6.07 -1.11
C ALA A 287 -18.12 6.19 -2.59
N GLN A 288 -18.94 6.92 -3.34
CA GLN A 288 -18.74 7.12 -4.78
C GLN A 288 -17.67 8.17 -5.09
N LEU A 289 -17.32 8.97 -4.08
CA LEU A 289 -16.32 10.03 -4.27
C LEU A 289 -14.90 9.69 -3.87
N GLU A 290 -14.66 8.43 -3.48
CA GLU A 290 -13.29 8.05 -3.12
C GLU A 290 -12.39 8.38 -4.31
N LEU A 291 -11.19 8.90 -4.05
CA LEU A 291 -10.29 9.26 -5.13
C LEU A 291 -10.03 8.07 -6.05
N ARG A 292 -10.04 8.32 -7.37
CA ARG A 292 -9.77 7.27 -8.35
C ARG A 292 -8.25 7.25 -8.51
N MET A 293 -7.60 6.70 -7.51
CA MET A 293 -6.15 6.61 -7.42
C MET A 293 -5.49 5.73 -8.47
N VAL A 294 -5.86 4.46 -8.45
CA VAL A 294 -5.32 3.46 -9.36
C VAL A 294 -5.51 3.83 -10.83
N GLN A 295 -6.68 4.36 -11.16
CA GLN A 295 -6.99 4.74 -12.52
C GLN A 295 -6.27 6.00 -13.00
N SER A 296 -5.66 6.75 -12.09
CA SER A 296 -4.95 7.99 -12.42
C SER A 296 -3.45 7.80 -12.47
N LYS A 297 -3.01 6.54 -12.50
CA LYS A 297 -1.59 6.22 -12.50
C LYS A 297 -0.72 7.03 -13.45
N LYS A 298 -1.14 7.13 -14.71
CA LYS A 298 -0.35 7.87 -15.71
C LYS A 298 -0.31 9.39 -15.45
N ASP A 299 -1.41 9.93 -14.96
CA ASP A 299 -1.47 11.35 -14.68
C ASP A 299 -0.57 11.69 -13.50
N ILE A 300 -0.44 10.76 -12.56
CA ILE A 300 0.42 10.97 -11.41
C ILE A 300 1.88 10.88 -11.85
N GLU A 301 2.20 9.91 -12.69
CA GLU A 301 3.57 9.73 -13.20
C GLU A 301 4.07 10.91 -14.04
N SER A 302 3.22 11.39 -14.93
CA SER A 302 3.60 12.48 -15.82
C SER A 302 2.39 13.35 -16.09
N PRO A 303 2.07 14.28 -15.18
CA PRO A 303 0.91 15.15 -15.38
C PRO A 303 1.00 16.21 -16.46
N GLU A 304 -0.03 16.31 -17.32
CA GLU A 304 -0.04 17.36 -18.32
C GLU A 304 -0.23 18.63 -17.51
N ILE A 305 0.60 19.64 -17.77
CA ILE A 305 0.52 20.90 -17.05
C ILE A 305 -0.71 21.68 -17.45
N VAL A 306 -1.56 22.00 -16.48
CA VAL A 306 -2.76 22.76 -16.75
C VAL A 306 -2.85 24.03 -15.91
N VAL A 307 -1.78 24.35 -15.18
CA VAL A 307 -1.79 25.55 -14.35
C VAL A 307 -0.44 26.26 -14.45
N GLN A 308 -0.45 27.58 -14.40
CA GLN A 308 0.79 28.32 -14.45
C GLN A 308 0.93 29.14 -13.19
N ALA A 309 2.04 28.97 -12.49
CA ALA A 309 2.28 29.71 -11.26
C ALA A 309 2.92 31.05 -11.62
N THR A 310 2.47 32.12 -11.00
CA THR A 310 3.07 33.42 -11.25
C THR A 310 4.08 33.73 -10.14
N VAL A 311 5.24 34.24 -10.54
CA VAL A 311 6.29 34.56 -9.59
C VAL A 311 5.97 35.92 -8.97
N LEU A 312 5.98 35.98 -7.65
CA LEU A 312 5.68 37.22 -6.94
C LEU A 312 6.94 38.02 -6.65
N GLU B 4 -14.17 -1.99 -13.06
CA GLU B 4 -13.45 -1.98 -11.75
C GLU B 4 -13.55 -3.35 -11.08
N CYS B 5 -12.40 -3.95 -10.72
CA CYS B 5 -12.36 -5.23 -10.01
C CYS B 5 -11.84 -4.89 -8.62
N ARG B 6 -12.60 -5.22 -7.59
CA ARG B 6 -12.18 -4.92 -6.24
C ARG B 6 -11.76 -6.17 -5.47
N VAL B 7 -10.57 -6.09 -4.90
CA VAL B 7 -9.99 -7.18 -4.13
C VAL B 7 -9.92 -6.88 -2.63
N LEU B 8 -10.35 -7.84 -1.80
CA LEU B 8 -10.23 -7.72 -0.34
C LEU B 8 -9.03 -8.62 -0.01
N SER B 9 -7.95 -8.02 0.45
CA SER B 9 -6.75 -8.77 0.77
C SER B 9 -6.52 -8.69 2.28
N ILE B 10 -6.51 -9.86 2.93
CA ILE B 10 -6.34 -9.92 4.38
C ILE B 10 -5.02 -10.61 4.66
N GLN B 11 -3.96 -9.83 4.86
CA GLN B 11 -2.62 -10.35 5.11
C GLN B 11 -1.81 -9.39 5.99
N SER B 12 -0.61 -9.84 6.34
CA SER B 12 0.27 -9.09 7.21
C SER B 12 0.80 -7.79 6.63
N HIS B 13 1.12 -6.85 7.52
CA HIS B 13 1.71 -5.58 7.15
C HIS B 13 3.06 -5.42 7.82
N VAL B 14 4.09 -5.00 7.07
CA VAL B 14 5.39 -4.73 7.67
C VAL B 14 5.74 -3.29 7.29
N VAL B 15 6.32 -2.56 8.23
CA VAL B 15 6.68 -1.17 7.99
C VAL B 15 7.70 -1.05 6.87
N ARG B 16 8.72 -1.89 6.95
CA ARG B 16 9.78 -1.91 5.96
C ARG B 16 9.74 -3.25 5.26
N GLY B 17 10.06 -3.26 3.96
CA GLY B 17 10.13 -4.52 3.23
C GLY B 17 8.87 -5.00 2.55
N TYR B 18 8.91 -6.23 2.05
CA TYR B 18 7.77 -6.76 1.33
C TYR B 18 7.41 -8.21 1.63
N VAL B 19 6.26 -8.38 2.28
CA VAL B 19 5.73 -9.68 2.62
C VAL B 19 4.25 -9.40 2.86
N GLY B 20 3.40 -10.40 2.71
CA GLY B 20 1.98 -10.19 2.93
C GLY B 20 1.37 -9.10 2.06
N ASN B 21 0.55 -8.26 2.69
CA ASN B 21 -0.11 -7.16 1.98
C ASN B 21 0.85 -6.19 1.30
N ARG B 22 2.09 -6.10 1.80
CA ARG B 22 3.07 -5.21 1.19
C ARG B 22 3.56 -5.80 -0.15
N ALA B 23 3.66 -7.12 -0.18
CA ALA B 23 4.09 -7.81 -1.39
C ALA B 23 2.95 -7.91 -2.41
N ALA B 24 1.72 -7.90 -1.92
CA ALA B 24 0.56 -8.04 -2.78
C ALA B 24 -0.11 -6.77 -3.31
N THR B 25 -0.12 -5.74 -2.50
CA THR B 25 -0.84 -4.52 -2.87
C THR B 25 -0.34 -3.73 -4.08
N PHE B 26 0.91 -3.28 -4.03
CA PHE B 26 1.48 -2.52 -5.12
C PHE B 26 1.30 -3.20 -6.49
N PRO B 27 1.66 -4.50 -6.61
CA PRO B 27 1.50 -5.19 -7.90
C PRO B 27 0.06 -5.15 -8.43
N LEU B 28 -0.90 -5.43 -7.56
CA LEU B 28 -2.30 -5.41 -7.97
C LEU B 28 -2.76 -4.01 -8.37
N GLN B 29 -2.25 -3.00 -7.66
CA GLN B 29 -2.63 -1.63 -7.99
C GLN B 29 -2.06 -1.20 -9.33
N VAL B 30 -0.81 -1.54 -9.63
CA VAL B 30 -0.24 -1.15 -10.92
C VAL B 30 -0.91 -1.93 -12.07
N LEU B 31 -1.46 -3.09 -11.75
CA LEU B 31 -2.16 -3.88 -12.75
C LEU B 31 -3.59 -3.38 -12.93
N GLY B 32 -3.97 -2.35 -12.18
CA GLY B 32 -5.30 -1.79 -12.31
C GLY B 32 -6.41 -2.28 -11.39
N PHE B 33 -6.06 -2.97 -10.31
CA PHE B 33 -7.10 -3.47 -9.41
C PHE B 33 -7.29 -2.56 -8.20
N GLU B 34 -8.54 -2.47 -7.72
CA GLU B 34 -8.88 -1.69 -6.54
C GLU B 34 -8.61 -2.64 -5.36
N VAL B 35 -7.62 -2.34 -4.54
CA VAL B 35 -7.28 -3.22 -3.42
C VAL B 35 -7.67 -2.64 -2.08
N ASP B 36 -8.52 -3.37 -1.35
CA ASP B 36 -8.94 -3.00 -0.01
C ASP B 36 -8.06 -3.91 0.84
N ALA B 37 -7.29 -3.33 1.77
CA ALA B 37 -6.36 -4.12 2.57
C ALA B 37 -6.62 -4.16 4.08
N VAL B 38 -6.86 -5.34 4.61
CA VAL B 38 -7.04 -5.52 6.05
C VAL B 38 -5.67 -6.04 6.48
N ASN B 39 -5.01 -5.31 7.38
CA ASN B 39 -3.69 -5.72 7.86
C ASN B 39 -3.88 -6.58 9.10
N SER B 40 -3.57 -7.88 8.99
CA SER B 40 -3.75 -8.84 10.10
C SER B 40 -2.77 -8.66 11.26
N VAL B 41 -1.64 -8.03 10.96
CA VAL B 41 -0.62 -7.68 11.97
C VAL B 41 0.11 -6.46 11.41
N GLN B 42 0.93 -5.83 12.25
CA GLN B 42 1.78 -4.73 11.82
C GLN B 42 3.12 -4.91 12.55
N PHE B 43 4.15 -5.35 11.82
CA PHE B 43 5.48 -5.52 12.39
C PHE B 43 6.43 -4.58 11.70
N SER B 44 7.57 -4.35 12.34
CA SER B 44 8.61 -3.48 11.80
C SER B 44 9.22 -4.06 10.53
N ASN B 45 9.31 -5.39 10.46
CA ASN B 45 9.92 -6.09 9.32
C ASN B 45 9.55 -7.57 9.43
N HIS B 46 9.92 -8.37 8.44
CA HIS B 46 9.58 -9.79 8.48
C HIS B 46 10.47 -10.57 9.44
N THR B 47 10.02 -11.78 9.78
CA THR B 47 10.73 -12.64 10.73
C THR B 47 12.08 -13.18 10.30
N GLY B 48 12.56 -12.76 9.14
CA GLY B 48 13.86 -13.22 8.67
C GLY B 48 15.00 -12.41 9.25
N TYR B 49 14.70 -11.25 9.82
CA TYR B 49 15.72 -10.42 10.43
C TYR B 49 15.99 -11.01 11.81
N SER B 50 17.06 -10.57 12.47
CA SER B 50 17.36 -11.11 13.79
C SER B 50 16.37 -10.59 14.81
N HIS B 51 15.81 -9.42 14.55
CA HIS B 51 14.84 -8.80 15.45
C HIS B 51 13.55 -8.37 14.73
N TRP B 52 12.48 -8.20 15.51
CA TRP B 52 11.20 -7.73 14.97
C TRP B 52 10.27 -7.41 16.14
N LYS B 53 9.50 -6.34 15.97
CA LYS B 53 8.55 -5.92 16.99
C LYS B 53 7.25 -5.51 16.28
N GLY B 54 6.12 -5.62 16.98
CA GLY B 54 4.86 -5.24 16.36
C GLY B 54 3.64 -5.74 17.11
N GLN B 55 2.47 -5.49 16.53
CA GLN B 55 1.21 -5.86 17.14
C GLN B 55 0.41 -6.79 16.22
N VAL B 56 -0.47 -7.60 16.81
CA VAL B 56 -1.28 -8.50 16.03
C VAL B 56 -2.74 -8.18 16.23
N LEU B 57 -3.58 -8.58 15.29
CA LEU B 57 -5.03 -8.37 15.42
C LEU B 57 -5.63 -9.74 15.79
N ASN B 58 -6.67 -9.75 16.62
CA ASN B 58 -7.35 -11.00 16.95
C ASN B 58 -8.58 -11.08 16.05
N SER B 59 -9.33 -12.17 16.14
CA SER B 59 -10.47 -12.31 15.27
C SER B 59 -11.58 -11.30 15.50
N ASP B 60 -11.71 -10.81 16.73
CA ASP B 60 -12.74 -9.82 17.04
C ASP B 60 -12.46 -8.52 16.30
N GLU B 61 -11.18 -8.14 16.27
CA GLU B 61 -10.81 -6.91 15.56
C GLU B 61 -11.04 -7.03 14.05
N LEU B 62 -10.83 -8.22 13.51
CA LEU B 62 -11.07 -8.46 12.08
C LEU B 62 -12.58 -8.27 11.86
N GLN B 63 -13.38 -8.86 12.74
CA GLN B 63 -14.83 -8.73 12.63
C GLN B 63 -15.30 -7.26 12.69
N GLU B 64 -14.68 -6.45 13.55
CA GLU B 64 -15.07 -5.04 13.66
C GLU B 64 -14.87 -4.30 12.33
N LEU B 65 -13.72 -4.51 11.71
CA LEU B 65 -13.42 -3.86 10.44
C LEU B 65 -14.39 -4.23 9.34
N TYR B 66 -14.70 -5.52 9.24
CA TYR B 66 -15.64 -6.01 8.25
C TYR B 66 -17.05 -5.45 8.54
N ASP B 67 -17.43 -5.41 9.82
CA ASP B 67 -18.74 -4.87 10.16
C ASP B 67 -18.83 -3.42 9.69
N GLY B 68 -17.71 -2.71 9.74
CA GLY B 68 -17.69 -1.32 9.29
C GLY B 68 -18.03 -1.22 7.81
N LEU B 69 -17.49 -2.14 7.02
CA LEU B 69 -17.75 -2.14 5.58
C LEU B 69 -19.22 -2.52 5.36
N LYS B 70 -19.69 -3.51 6.12
CA LYS B 70 -21.07 -3.96 6.00
C LYS B 70 -22.07 -2.85 6.36
N LEU B 71 -21.81 -2.14 7.47
CA LEU B 71 -22.70 -1.06 7.89
C LEU B 71 -22.82 0.05 6.85
N ASN B 72 -21.76 0.29 6.09
CA ASN B 72 -21.79 1.32 5.08
C ASN B 72 -22.22 0.77 3.71
N HIS B 73 -22.61 -0.49 3.68
CA HIS B 73 -23.04 -1.13 2.43
C HIS B 73 -21.98 -1.11 1.34
N VAL B 74 -20.71 -1.25 1.72
CA VAL B 74 -19.64 -1.29 0.73
C VAL B 74 -18.88 -2.60 0.86
N ASN B 75 -19.60 -3.67 1.14
CA ASN B 75 -18.96 -4.98 1.26
C ASN B 75 -19.24 -5.79 0.00
N GLN B 76 -18.97 -5.20 -1.16
CA GLN B 76 -19.15 -5.85 -2.46
C GLN B 76 -17.76 -6.06 -3.04
N TYR B 77 -17.35 -7.32 -3.19
CA TYR B 77 -16.04 -7.64 -3.73
C TYR B 77 -16.07 -8.63 -4.89
N ASP B 78 -15.04 -8.57 -5.72
CA ASP B 78 -14.89 -9.46 -6.86
C ASP B 78 -13.89 -10.57 -6.52
N TYR B 79 -13.00 -10.26 -5.58
CA TYR B 79 -11.98 -11.20 -5.15
C TYR B 79 -11.67 -11.04 -3.67
N VAL B 80 -11.24 -12.14 -3.06
CA VAL B 80 -10.77 -12.14 -1.69
C VAL B 80 -9.43 -12.85 -1.81
N LEU B 81 -8.41 -12.35 -1.12
CA LEU B 81 -7.07 -12.93 -1.17
C LEU B 81 -6.49 -13.07 0.21
N THR B 82 -6.11 -14.30 0.59
CA THR B 82 -5.48 -14.53 1.89
C THR B 82 -4.20 -15.34 1.75
N GLY B 83 -3.35 -15.24 2.77
CA GLY B 83 -2.09 -15.96 2.81
C GLY B 83 -1.79 -16.45 4.22
N TYR B 84 -0.58 -16.14 4.67
CA TYR B 84 -0.13 -16.56 6.00
C TYR B 84 -1.09 -16.11 7.11
N THR B 85 -1.43 -17.07 7.97
CA THR B 85 -2.30 -16.85 9.13
C THR B 85 -1.76 -17.75 10.25
N ARG B 86 -1.50 -17.17 11.41
CA ARG B 86 -0.96 -17.98 12.51
C ARG B 86 -2.01 -18.48 13.52
N ASP B 87 -3.24 -17.97 13.49
CA ASP B 87 -4.21 -18.46 14.47
C ASP B 87 -5.52 -18.96 13.87
N LYS B 88 -5.97 -20.13 14.34
CA LYS B 88 -7.18 -20.75 13.81
C LYS B 88 -8.48 -19.96 13.96
N SER B 89 -8.57 -19.15 14.99
CA SER B 89 -9.79 -18.36 15.18
C SER B 89 -9.92 -17.30 14.09
N PHE B 90 -8.78 -16.70 13.73
CA PHE B 90 -8.73 -15.66 12.70
C PHE B 90 -9.09 -16.30 11.35
N LEU B 91 -8.49 -17.45 11.08
CA LEU B 91 -8.72 -18.18 9.84
C LEU B 91 -10.20 -18.55 9.72
N ALA B 92 -10.79 -19.02 10.82
CA ALA B 92 -12.20 -19.39 10.78
C ALA B 92 -13.06 -18.16 10.49
N MET B 93 -12.68 -17.02 11.06
CA MET B 93 -13.42 -15.78 10.84
C MET B 93 -13.35 -15.41 9.35
N VAL B 94 -12.18 -15.58 8.75
CA VAL B 94 -11.99 -15.29 7.33
C VAL B 94 -12.97 -16.11 6.50
N VAL B 95 -13.11 -17.40 6.85
CA VAL B 95 -14.04 -18.26 6.12
C VAL B 95 -15.49 -17.79 6.21
N ASP B 96 -15.91 -17.30 7.39
CA ASP B 96 -17.28 -16.80 7.53
C ASP B 96 -17.49 -15.60 6.61
N ILE B 97 -16.47 -14.75 6.51
CA ILE B 97 -16.56 -13.57 5.66
C ILE B 97 -16.69 -13.95 4.19
N VAL B 98 -15.82 -14.86 3.74
CA VAL B 98 -15.87 -15.31 2.34
C VAL B 98 -17.24 -15.87 1.97
N GLN B 99 -17.80 -16.72 2.83
CA GLN B 99 -19.12 -17.30 2.57
C GLN B 99 -20.21 -16.23 2.45
N GLU B 100 -20.17 -15.24 3.33
CA GLU B 100 -21.16 -14.18 3.28
C GLU B 100 -21.01 -13.33 2.00
N LEU B 101 -19.76 -13.06 1.61
CA LEU B 101 -19.53 -12.28 0.39
C LEU B 101 -19.95 -13.09 -0.83
N LYS B 102 -19.77 -14.41 -0.81
CA LYS B 102 -20.19 -15.22 -1.94
C LYS B 102 -21.72 -15.27 -2.06
N GLN B 103 -22.42 -15.02 -0.95
CA GLN B 103 -23.88 -15.00 -1.01
C GLN B 103 -24.24 -13.71 -1.75
N GLN B 104 -23.55 -12.64 -1.39
CA GLN B 104 -23.74 -11.33 -2.03
C GLN B 104 -23.34 -11.33 -3.51
N ASN B 105 -22.31 -12.09 -3.87
CA ASN B 105 -21.81 -12.15 -5.25
C ASN B 105 -21.30 -13.55 -5.56
N PRO B 106 -22.10 -14.35 -6.29
CA PRO B 106 -21.77 -15.71 -6.68
C PRO B 106 -20.58 -15.79 -7.61
N ARG B 107 -20.21 -14.68 -8.22
CA ARG B 107 -19.07 -14.66 -9.14
C ARG B 107 -17.74 -14.38 -8.43
N LEU B 108 -17.81 -14.14 -7.12
CA LEU B 108 -16.61 -13.85 -6.34
C LEU B 108 -15.60 -14.99 -6.37
N VAL B 109 -14.34 -14.64 -6.59
CA VAL B 109 -13.25 -15.62 -6.65
C VAL B 109 -12.36 -15.48 -5.41
N TYR B 110 -12.20 -16.57 -4.68
CA TYR B 110 -11.37 -16.61 -3.48
C TYR B 110 -10.03 -17.27 -3.81
N VAL B 111 -8.96 -16.48 -3.73
CA VAL B 111 -7.60 -16.93 -4.00
C VAL B 111 -6.92 -17.16 -2.64
N CYS B 112 -6.46 -18.38 -2.42
CA CYS B 112 -5.86 -18.73 -1.15
C CYS B 112 -4.50 -19.41 -1.21
N ASP B 113 -3.53 -18.85 -0.49
CA ASP B 113 -2.21 -19.46 -0.38
C ASP B 113 -2.27 -20.04 1.05
N PRO B 114 -2.43 -21.37 1.16
CA PRO B 114 -2.52 -22.06 2.46
C PRO B 114 -1.18 -22.32 3.11
N VAL B 115 -0.59 -21.26 3.66
CA VAL B 115 0.72 -21.39 4.27
C VAL B 115 0.73 -22.18 5.57
N MET B 116 1.57 -23.21 5.61
CA MET B 116 1.73 -24.04 6.79
C MET B 116 3.21 -24.39 6.93
N GLY B 117 3.59 -24.87 8.11
CA GLY B 117 4.98 -25.24 8.33
C GLY B 117 5.84 -24.19 9.02
N ASP B 118 7.01 -23.91 8.44
CA ASP B 118 7.93 -22.92 9.01
C ASP B 118 8.33 -21.83 8.02
N GLN B 119 7.38 -21.36 7.21
CA GLN B 119 7.70 -20.31 6.26
C GLN B 119 7.94 -18.94 6.91
N ARG B 120 9.00 -18.25 6.50
CA ARG B 120 9.28 -16.92 7.03
C ARG B 120 8.04 -16.08 6.76
N ASN B 121 7.71 -15.19 7.68
CA ASN B 121 6.51 -14.39 7.51
C ASN B 121 6.62 -12.99 8.10
N GLY B 122 5.48 -12.31 8.08
CA GLY B 122 5.42 -10.97 8.62
C GLY B 122 4.53 -10.98 9.85
N GLU B 123 4.23 -12.18 10.34
CA GLU B 123 3.37 -12.34 11.52
C GLU B 123 4.16 -12.76 12.78
N GLY B 124 5.47 -12.49 12.76
CA GLY B 124 6.33 -12.80 13.89
C GLY B 124 6.21 -14.20 14.45
N ALA B 125 5.75 -15.13 13.62
CA ALA B 125 5.62 -16.51 14.07
C ALA B 125 6.85 -17.32 13.67
N MET B 126 7.12 -18.36 14.43
CA MET B 126 8.26 -19.23 14.16
C MET B 126 7.77 -20.46 13.41
N TYR B 127 6.50 -20.77 13.57
CA TYR B 127 5.91 -21.95 12.95
C TYR B 127 4.40 -21.81 12.91
N VAL B 128 3.76 -22.49 11.97
CA VAL B 128 2.30 -22.47 11.88
C VAL B 128 1.79 -23.65 12.73
N PRO B 129 0.88 -23.39 13.68
CA PRO B 129 0.33 -24.45 14.55
C PRO B 129 -0.37 -25.56 13.77
N ASP B 130 -0.24 -26.81 14.25
CA ASP B 130 -0.88 -27.95 13.56
C ASP B 130 -2.40 -27.82 13.61
N ASP B 131 -2.92 -27.17 14.65
CA ASP B 131 -4.36 -27.04 14.76
C ASP B 131 -4.98 -26.25 13.60
N LEU B 132 -4.13 -25.79 12.68
CA LEU B 132 -4.64 -25.06 11.50
C LEU B 132 -4.98 -26.00 10.35
N LEU B 133 -4.26 -27.11 10.24
CA LEU B 133 -4.50 -28.06 9.15
C LEU B 133 -5.96 -28.46 9.03
N PRO B 134 -6.60 -28.85 10.14
CA PRO B 134 -8.01 -29.26 10.09
C PRO B 134 -8.90 -28.17 9.51
N VAL B 135 -8.61 -26.91 9.88
CA VAL B 135 -9.41 -25.79 9.39
C VAL B 135 -9.22 -25.57 7.88
N TYR B 136 -7.97 -25.69 7.42
CA TYR B 136 -7.68 -25.54 5.98
C TYR B 136 -8.34 -26.63 5.15
N ARG B 137 -8.28 -27.88 5.64
CA ARG B 137 -8.86 -29.02 4.95
C ARG B 137 -10.37 -28.99 4.83
N GLU B 138 -11.04 -28.80 5.96
CA GLU B 138 -12.50 -28.81 6.00
C GLU B 138 -13.26 -27.51 5.83
N LYS B 139 -12.62 -26.38 6.09
CA LYS B 139 -13.33 -25.10 5.96
C LYS B 139 -12.84 -24.15 4.86
N VAL B 140 -11.52 -23.97 4.78
CA VAL B 140 -10.96 -23.07 3.78
C VAL B 140 -10.92 -23.61 2.35
N VAL B 141 -10.21 -24.71 2.13
CA VAL B 141 -10.10 -25.25 0.79
C VAL B 141 -11.44 -25.46 0.08
N PRO B 142 -12.46 -25.97 0.79
CA PRO B 142 -13.75 -26.17 0.12
C PRO B 142 -14.40 -24.89 -0.48
N VAL B 143 -14.08 -23.72 0.06
CA VAL B 143 -14.67 -22.48 -0.48
C VAL B 143 -13.70 -21.68 -1.36
N ALA B 144 -12.47 -22.18 -1.50
CA ALA B 144 -11.47 -21.52 -2.32
C ALA B 144 -11.63 -21.90 -3.80
N ASP B 145 -11.31 -20.96 -4.68
CA ASP B 145 -11.41 -21.19 -6.13
C ASP B 145 -10.04 -21.42 -6.77
N ILE B 146 -9.03 -20.73 -6.25
CA ILE B 146 -7.64 -20.85 -6.70
C ILE B 146 -6.77 -21.00 -5.46
N ILE B 147 -5.95 -22.06 -5.41
CA ILE B 147 -5.05 -22.26 -4.28
C ILE B 147 -3.64 -22.45 -4.83
N THR B 148 -2.66 -21.97 -4.08
CA THR B 148 -1.26 -22.04 -4.48
C THR B 148 -0.35 -22.65 -3.43
N PRO B 149 -0.58 -23.93 -3.06
CA PRO B 149 0.30 -24.50 -2.04
C PRO B 149 1.63 -24.93 -2.63
N ASN B 150 2.62 -25.13 -1.77
CA ASN B 150 3.89 -25.66 -2.24
C ASN B 150 3.69 -27.19 -2.11
N GLN B 151 4.73 -27.98 -2.41
CA GLN B 151 4.58 -29.44 -2.35
C GLN B 151 4.17 -29.93 -0.98
N PHE B 152 4.86 -29.43 0.06
CA PHE B 152 4.59 -29.78 1.43
C PHE B 152 3.13 -29.56 1.83
N GLU B 153 2.62 -28.38 1.50
CA GLU B 153 1.24 -28.04 1.83
C GLU B 153 0.21 -28.89 1.07
N ALA B 154 0.54 -29.25 -0.17
CA ALA B 154 -0.35 -30.08 -0.96
C ALA B 154 -0.42 -31.48 -0.31
N GLU B 155 0.74 -31.97 0.14
CA GLU B 155 0.80 -33.27 0.79
C GLU B 155 0.01 -33.27 2.09
N LEU B 156 0.15 -32.21 2.89
CA LEU B 156 -0.59 -32.15 4.15
C LEU B 156 -2.09 -32.09 3.93
N LEU B 157 -2.52 -31.26 2.99
CA LEU B 157 -3.94 -31.10 2.69
C LEU B 157 -4.62 -32.39 2.23
N THR B 158 -3.94 -33.16 1.38
CA THR B 158 -4.54 -34.39 0.86
C THR B 158 -4.20 -35.63 1.69
N GLY B 159 -3.16 -35.52 2.50
CA GLY B 159 -2.74 -36.64 3.32
C GLY B 159 -1.95 -37.65 2.52
N ARG B 160 -1.41 -37.22 1.38
CA ARG B 160 -0.65 -38.10 0.52
C ARG B 160 0.72 -37.50 0.11
N LYS B 161 1.76 -38.34 0.16
CA LYS B 161 3.11 -37.92 -0.20
C LYS B 161 3.30 -37.91 -1.70
N ILE B 162 4.17 -37.03 -2.18
CA ILE B 162 4.45 -36.93 -3.61
C ILE B 162 5.90 -37.37 -3.87
N HIS B 163 6.05 -38.34 -4.77
CA HIS B 163 7.38 -38.89 -5.11
C HIS B 163 7.70 -38.70 -6.58
N SER B 164 6.71 -38.28 -7.37
CA SER B 164 6.94 -38.08 -8.78
C SER B 164 5.93 -37.12 -9.37
N GLN B 165 6.20 -36.70 -10.60
CA GLN B 165 5.32 -35.80 -11.33
C GLN B 165 3.91 -36.39 -11.45
N GLU B 166 3.84 -37.69 -11.73
CA GLU B 166 2.56 -38.35 -11.89
C GLU B 166 1.72 -38.28 -10.62
N GLU B 167 2.34 -38.57 -9.48
CA GLU B 167 1.65 -38.50 -8.20
C GLU B 167 1.23 -37.06 -7.89
N ALA B 168 2.03 -36.10 -8.35
CA ALA B 168 1.71 -34.70 -8.13
C ALA B 168 0.39 -34.39 -8.83
N LEU B 169 0.22 -34.90 -10.05
CA LEU B 169 -1.02 -34.66 -10.80
C LEU B 169 -2.18 -35.34 -10.07
N GLU B 170 -1.96 -36.52 -9.51
CA GLU B 170 -3.04 -37.20 -8.79
C GLU B 170 -3.45 -36.35 -7.57
N VAL B 171 -2.47 -35.82 -6.86
CA VAL B 171 -2.72 -34.96 -5.70
C VAL B 171 -3.51 -33.71 -6.12
N MET B 172 -3.15 -33.12 -7.25
CA MET B 172 -3.88 -31.93 -7.73
C MET B 172 -5.32 -32.29 -8.07
N ASP B 173 -5.54 -33.48 -8.61
CA ASP B 173 -6.89 -33.93 -8.92
C ASP B 173 -7.66 -34.09 -7.60
N MET B 174 -7.00 -34.57 -6.55
CA MET B 174 -7.66 -34.72 -5.24
C MET B 174 -8.07 -33.33 -4.70
N LEU B 175 -7.18 -32.35 -4.87
CA LEU B 175 -7.47 -30.99 -4.42
C LEU B 175 -8.66 -30.42 -5.20
N HIS B 176 -8.72 -30.70 -6.51
CA HIS B 176 -9.84 -30.22 -7.31
C HIS B 176 -11.14 -30.76 -6.69
N SER B 177 -11.13 -32.04 -6.33
CA SER B 177 -12.33 -32.66 -5.75
C SER B 177 -12.72 -32.05 -4.43
N MET B 178 -11.76 -31.45 -3.74
CA MET B 178 -12.04 -30.81 -2.47
C MET B 178 -12.74 -29.48 -2.69
N GLY B 179 -12.59 -28.89 -3.86
CA GLY B 179 -13.26 -27.63 -4.14
C GLY B 179 -12.72 -26.72 -5.24
N PRO B 180 -11.47 -26.23 -5.14
CA PRO B 180 -10.90 -25.33 -6.16
C PRO B 180 -10.73 -25.83 -7.60
N ASP B 181 -11.20 -25.04 -8.55
CA ASP B 181 -11.06 -25.39 -9.97
C ASP B 181 -9.64 -25.14 -10.49
N THR B 182 -8.87 -24.32 -9.78
CA THR B 182 -7.50 -24.02 -10.20
C THR B 182 -6.52 -24.31 -9.08
N VAL B 183 -5.51 -25.12 -9.39
CA VAL B 183 -4.49 -25.49 -8.42
C VAL B 183 -3.09 -25.31 -8.99
N VAL B 184 -2.25 -24.56 -8.28
CA VAL B 184 -0.88 -24.39 -8.73
C VAL B 184 0.05 -24.80 -7.58
N ILE B 185 0.91 -25.79 -7.84
CA ILE B 185 1.89 -26.20 -6.85
C ILE B 185 3.10 -25.34 -7.25
N THR B 186 3.36 -24.31 -6.42
CA THR B 186 4.41 -23.33 -6.68
C THR B 186 5.85 -23.80 -6.68
N SER B 187 6.17 -24.81 -5.90
CA SER B 187 7.53 -25.31 -5.89
C SER B 187 7.49 -26.74 -5.36
N SER B 188 8.44 -27.56 -5.80
CA SER B 188 8.49 -28.95 -5.38
C SER B 188 9.93 -29.45 -5.32
N ASN B 189 10.10 -30.64 -4.75
CA ASN B 189 11.40 -31.27 -4.62
C ASN B 189 11.61 -32.23 -5.80
N LEU B 190 10.78 -32.13 -6.83
CA LEU B 190 10.87 -33.00 -7.99
C LEU B 190 12.02 -32.60 -8.93
N LEU B 191 12.71 -33.61 -9.44
CA LEU B 191 13.83 -33.40 -10.36
C LEU B 191 13.30 -32.94 -11.71
N SER B 192 13.67 -31.73 -12.12
CA SER B 192 13.21 -31.21 -13.40
C SER B 192 14.02 -31.71 -14.58
N PRO B 193 13.34 -32.00 -15.70
CA PRO B 193 13.98 -32.49 -16.93
C PRO B 193 15.14 -31.59 -17.36
N ARG B 194 14.88 -30.28 -17.38
CA ARG B 194 15.87 -29.27 -17.75
C ARG B 194 17.19 -29.40 -17.00
N GLY B 195 17.14 -29.78 -15.74
CA GLY B 195 18.34 -29.91 -14.94
C GLY B 195 18.10 -29.64 -13.47
N SER B 196 19.07 -30.00 -12.64
CA SER B 196 18.96 -29.85 -11.19
C SER B 196 18.89 -28.41 -10.70
N ASP B 197 19.35 -27.48 -11.53
CA ASP B 197 19.35 -26.07 -11.15
C ASP B 197 18.03 -25.40 -11.45
N TYR B 198 17.04 -26.19 -11.85
CA TYR B 198 15.72 -25.65 -12.15
C TYR B 198 14.68 -25.99 -11.11
N LEU B 199 13.78 -25.05 -10.89
CA LEU B 199 12.71 -25.24 -9.92
C LEU B 199 11.49 -25.66 -10.74
N MET B 200 10.80 -26.70 -10.28
CA MET B 200 9.64 -27.15 -11.01
C MET B 200 8.33 -26.83 -10.30
N ALA B 201 7.41 -26.25 -11.06
CA ALA B 201 6.09 -25.89 -10.55
C ALA B 201 5.09 -26.58 -11.47
N LEU B 202 3.91 -26.88 -10.94
CA LEU B 202 2.87 -27.55 -11.73
C LEU B 202 1.54 -26.83 -11.51
N GLY B 203 0.74 -26.82 -12.56
CA GLY B 203 -0.56 -26.18 -12.48
C GLY B 203 -1.64 -27.04 -13.10
N SER B 204 -2.86 -26.86 -12.64
CA SER B 204 -4.01 -27.62 -13.13
C SER B 204 -5.30 -26.81 -13.02
N GLN B 205 -6.05 -26.74 -14.12
CA GLN B 205 -7.33 -26.04 -14.13
C GLN B 205 -8.42 -26.96 -14.68
N ARG B 206 -9.40 -27.25 -13.82
CA ARG B 206 -10.51 -28.13 -14.17
C ARG B 206 -11.75 -27.35 -14.60
N THR B 207 -12.29 -27.72 -15.75
CA THR B 207 -13.49 -27.07 -16.28
C THR B 207 -14.56 -28.11 -16.60
N ARG B 208 -15.75 -27.92 -16.04
CA ARG B 208 -16.87 -28.84 -16.26
C ARG B 208 -17.75 -28.36 -17.42
N ALA B 209 -17.90 -29.22 -18.44
CA ALA B 209 -18.71 -28.89 -19.60
C ALA B 209 -20.19 -29.12 -19.35
N PRO B 210 -21.05 -28.49 -20.17
CA PRO B 210 -22.51 -28.60 -20.06
C PRO B 210 -23.00 -30.06 -20.03
N ASP B 211 -22.41 -30.90 -20.88
CA ASP B 211 -22.80 -32.32 -20.97
C ASP B 211 -22.24 -33.20 -19.84
N GLY B 212 -21.68 -32.57 -18.81
CA GLY B 212 -21.13 -33.35 -17.72
C GLY B 212 -19.68 -33.80 -17.89
N SER B 213 -19.10 -33.60 -19.07
CA SER B 213 -17.72 -34.01 -19.29
C SER B 213 -16.78 -33.03 -18.60
N VAL B 214 -15.57 -33.50 -18.29
CA VAL B 214 -14.62 -32.66 -17.60
C VAL B 214 -13.34 -32.50 -18.38
N VAL B 215 -12.90 -31.26 -18.52
CA VAL B 215 -11.65 -30.96 -19.21
C VAL B 215 -10.69 -30.38 -18.20
N THR B 216 -9.47 -30.91 -18.18
CA THR B 216 -8.47 -30.48 -17.24
C THR B 216 -7.20 -30.05 -17.95
N GLN B 217 -6.79 -28.78 -17.80
CA GLN B 217 -5.54 -28.34 -18.41
C GLN B 217 -4.44 -28.53 -17.36
N ARG B 218 -3.42 -29.30 -17.72
CA ARG B 218 -2.31 -29.57 -16.81
C ARG B 218 -1.03 -29.03 -17.43
N ILE B 219 -0.26 -28.28 -16.64
CA ILE B 219 0.99 -27.71 -17.14
C ILE B 219 2.15 -27.88 -16.17
N ARG B 220 3.34 -27.74 -16.72
CA ARG B 220 4.58 -27.83 -15.96
C ARG B 220 5.43 -26.64 -16.36
N MET B 221 6.10 -26.06 -15.37
CA MET B 221 6.98 -24.91 -15.59
C MET B 221 8.27 -25.07 -14.84
N GLU B 222 9.36 -24.71 -15.50
CA GLU B 222 10.70 -24.81 -14.91
C GLU B 222 11.42 -23.47 -14.97
N MET B 223 11.72 -22.93 -13.79
CA MET B 223 12.43 -21.65 -13.69
C MET B 223 13.81 -21.90 -13.09
N HIS B 224 14.85 -21.28 -13.64
CA HIS B 224 16.18 -21.48 -13.08
C HIS B 224 16.21 -20.85 -11.68
N LYS B 225 16.85 -21.53 -10.74
CA LYS B 225 16.94 -21.05 -9.38
C LYS B 225 17.86 -19.84 -9.21
N VAL B 226 17.63 -19.10 -8.13
CA VAL B 226 18.45 -17.95 -7.80
C VAL B 226 19.05 -18.34 -6.46
N ASP B 227 20.38 -18.32 -6.34
CA ASP B 227 20.99 -18.74 -5.09
C ASP B 227 20.93 -17.67 -4.00
N ALA B 228 19.82 -17.65 -3.29
CA ALA B 228 19.60 -16.69 -2.21
C ALA B 228 18.24 -17.05 -1.65
N VAL B 229 18.01 -16.67 -0.39
CA VAL B 229 16.74 -16.93 0.26
C VAL B 229 15.94 -15.63 0.27
N PHE B 230 14.78 -15.65 -0.40
CA PHE B 230 13.94 -14.48 -0.44
C PHE B 230 12.73 -14.71 0.43
N VAL B 231 12.09 -13.63 0.85
CA VAL B 231 10.89 -13.71 1.66
C VAL B 231 9.79 -12.94 0.93
N GLY B 232 8.57 -13.45 0.98
CA GLY B 232 7.45 -12.77 0.34
C GLY B 232 7.17 -13.17 -1.10
N THR B 233 7.97 -14.09 -1.65
CA THR B 233 7.78 -14.50 -3.04
C THR B 233 6.46 -15.25 -3.25
N GLY B 234 6.02 -16.00 -2.24
CA GLY B 234 4.76 -16.70 -2.36
C GLY B 234 3.61 -15.73 -2.38
N ASP B 235 3.72 -14.66 -1.60
CA ASP B 235 2.69 -13.64 -1.55
C ASP B 235 2.63 -12.90 -2.89
N LEU B 236 3.80 -12.54 -3.42
CA LEU B 236 3.86 -11.84 -4.70
C LEU B 236 3.30 -12.74 -5.82
N PHE B 237 3.64 -14.04 -5.76
CA PHE B 237 3.17 -15.01 -6.75
C PHE B 237 1.65 -15.07 -6.80
N ALA B 238 1.02 -15.29 -5.64
CA ALA B 238 -0.44 -15.39 -5.57
C ALA B 238 -1.16 -14.13 -6.06
N ALA B 239 -0.62 -12.96 -5.74
CA ALA B 239 -1.22 -11.70 -6.16
C ALA B 239 -1.15 -11.52 -7.68
N MET B 240 -0.02 -11.85 -8.28
CA MET B 240 0.05 -11.69 -9.74
C MET B 240 -0.75 -12.77 -10.44
N LEU B 241 -0.85 -13.96 -9.86
CA LEU B 241 -1.64 -15.04 -10.47
C LEU B 241 -3.11 -14.60 -10.52
N LEU B 242 -3.55 -13.93 -9.45
CA LEU B 242 -4.90 -13.42 -9.39
C LEU B 242 -5.15 -12.48 -10.57
N ALA B 243 -4.24 -11.52 -10.79
CA ALA B 243 -4.42 -10.58 -11.90
C ALA B 243 -4.41 -11.21 -13.30
N TRP B 244 -3.48 -12.12 -13.54
CA TRP B 244 -3.36 -12.73 -14.86
C TRP B 244 -4.45 -13.77 -15.17
N THR B 245 -4.98 -14.46 -14.16
CA THR B 245 -6.07 -15.42 -14.42
C THR B 245 -7.32 -14.60 -14.68
N HIS B 246 -7.38 -13.40 -14.13
CA HIS B 246 -8.54 -12.56 -14.40
C HIS B 246 -8.56 -12.16 -15.87
N LYS B 247 -7.39 -11.83 -16.40
CA LYS B 247 -7.30 -11.43 -17.81
C LYS B 247 -7.39 -12.65 -18.74
N HIS B 248 -6.91 -13.81 -18.27
CA HIS B 248 -6.93 -15.04 -19.08
C HIS B 248 -7.67 -16.14 -18.34
N PRO B 249 -8.97 -15.91 -18.08
CA PRO B 249 -9.85 -16.84 -17.37
C PRO B 249 -9.86 -18.30 -17.79
N ASN B 250 -9.62 -18.60 -19.05
CA ASN B 250 -9.67 -20.00 -19.45
C ASN B 250 -8.36 -20.49 -20.02
N ASN B 251 -7.28 -19.79 -19.69
CA ASN B 251 -5.97 -20.16 -20.19
C ASN B 251 -4.92 -20.10 -19.08
N LEU B 252 -4.88 -21.14 -18.26
CA LEU B 252 -3.91 -21.18 -17.18
C LEU B 252 -2.47 -21.07 -17.69
N LYS B 253 -2.21 -21.63 -18.88
CA LYS B 253 -0.87 -21.60 -19.44
C LYS B 253 -0.31 -20.18 -19.58
N VAL B 254 -1.07 -19.30 -20.20
CA VAL B 254 -0.64 -17.92 -20.39
C VAL B 254 -0.59 -17.17 -19.07
N ALA B 255 -1.57 -17.42 -18.20
CA ALA B 255 -1.59 -16.77 -16.90
C ALA B 255 -0.31 -17.12 -16.13
N CYS B 256 0.07 -18.39 -16.11
CA CYS B 256 1.28 -18.79 -15.39
C CYS B 256 2.58 -18.31 -16.06
N GLU B 257 2.63 -18.29 -17.38
CA GLU B 257 3.84 -17.81 -18.07
C GLU B 257 4.13 -16.34 -17.70
N LYS B 258 3.08 -15.53 -17.69
CA LYS B 258 3.24 -14.12 -17.33
C LYS B 258 3.64 -13.96 -15.86
N THR B 259 2.96 -14.69 -14.97
CA THR B 259 3.26 -14.64 -13.54
C THR B 259 4.68 -15.06 -13.22
N VAL B 260 5.07 -16.24 -13.69
CA VAL B 260 6.40 -16.72 -13.43
C VAL B 260 7.46 -15.82 -14.10
N SER B 261 7.17 -15.30 -15.28
CA SER B 261 8.14 -14.42 -15.95
C SER B 261 8.37 -13.14 -15.14
N ALA B 262 7.30 -12.58 -14.61
CA ALA B 262 7.39 -11.38 -13.80
C ALA B 262 8.22 -11.71 -12.55
N MET B 263 8.02 -12.91 -11.98
CA MET B 263 8.81 -13.31 -10.79
C MET B 263 10.30 -13.32 -11.13
N HIS B 264 10.62 -13.86 -12.30
CA HIS B 264 12.01 -13.93 -12.76
C HIS B 264 12.64 -12.54 -12.85
N HIS B 265 11.90 -11.59 -13.43
CA HIS B 265 12.43 -10.23 -13.56
C HIS B 265 12.63 -9.56 -12.20
N VAL B 266 11.68 -9.74 -11.28
CA VAL B 266 11.81 -9.15 -9.96
C VAL B 266 13.00 -9.77 -9.20
N LEU B 267 13.14 -11.09 -9.22
CA LEU B 267 14.25 -11.72 -8.51
C LEU B 267 15.64 -11.42 -9.09
N GLN B 268 15.74 -11.29 -10.41
CA GLN B 268 17.02 -10.98 -11.04
C GLN B 268 17.49 -9.59 -10.63
N ARG B 269 16.58 -8.62 -10.69
CA ARG B 269 16.88 -7.26 -10.30
C ARG B 269 17.24 -7.24 -8.80
N THR B 270 16.50 -8.00 -8.00
CA THR B 270 16.76 -8.03 -6.57
C THR B 270 18.14 -8.60 -6.20
N ILE B 271 18.49 -9.76 -6.75
CA ILE B 271 19.78 -10.37 -6.46
C ILE B 271 20.94 -9.52 -6.96
N LYS B 272 20.78 -8.86 -8.11
CA LYS B 272 21.82 -8.00 -8.65
C LYS B 272 22.08 -6.84 -7.70
N CYS B 273 21.03 -6.21 -7.19
CA CYS B 273 21.19 -5.09 -6.28
C CYS B 273 21.76 -5.57 -4.93
N ALA B 274 21.30 -6.71 -4.44
CA ALA B 274 21.80 -7.23 -3.15
C ALA B 274 23.31 -7.49 -3.16
N LYS B 275 23.79 -8.15 -4.20
CA LYS B 275 25.22 -8.46 -4.31
C LYS B 275 26.04 -7.18 -4.42
N ALA B 276 25.53 -6.21 -5.17
CA ALA B 276 26.25 -4.95 -5.32
C ALA B 276 26.36 -4.24 -3.96
N LYS B 277 25.32 -4.33 -3.15
CA LYS B 277 25.33 -3.68 -1.86
C LYS B 277 26.16 -4.37 -0.80
N SER B 278 26.23 -5.70 -0.86
CA SER B 278 26.97 -6.46 0.14
C SER B 278 28.48 -6.46 -0.10
N GLY B 279 28.88 -6.30 -1.35
CA GLY B 279 30.30 -6.30 -1.66
C GLY B 279 30.76 -7.68 -2.10
N GLU B 280 31.93 -7.72 -2.72
CA GLU B 280 32.49 -8.97 -3.22
C GLU B 280 32.75 -9.99 -2.11
N GLY B 281 32.36 -11.24 -2.38
CA GLY B 281 32.57 -12.30 -1.41
C GLY B 281 31.64 -12.36 -0.22
N VAL B 282 30.95 -11.25 0.08
CA VAL B 282 30.05 -11.27 1.24
C VAL B 282 28.62 -11.61 0.83
N LYS B 283 28.03 -12.55 1.54
CA LYS B 283 26.67 -13.00 1.30
C LYS B 283 25.67 -11.92 1.73
N PRO B 284 24.74 -11.55 0.85
CA PRO B 284 23.74 -10.52 1.17
C PRO B 284 22.90 -10.88 2.38
N SER B 285 22.62 -9.88 3.22
CA SER B 285 21.80 -10.10 4.42
C SER B 285 20.31 -9.94 4.09
N PRO B 286 19.43 -10.40 4.99
CA PRO B 286 17.99 -10.29 4.72
C PRO B 286 17.53 -8.88 4.40
N ALA B 287 18.16 -7.88 5.01
CA ALA B 287 17.81 -6.49 4.75
C ALA B 287 18.15 -6.13 3.30
N GLN B 288 19.26 -6.66 2.80
CA GLN B 288 19.70 -6.37 1.45
C GLN B 288 18.95 -7.21 0.40
N LEU B 289 18.25 -8.24 0.86
CA LEU B 289 17.50 -9.12 -0.05
C LEU B 289 16.02 -8.78 -0.20
N GLU B 290 15.57 -7.68 0.38
CA GLU B 290 14.17 -7.27 0.24
C GLU B 290 13.86 -7.11 -1.24
N LEU B 291 12.72 -7.62 -1.66
CA LEU B 291 12.35 -7.51 -3.08
C LEU B 291 12.40 -6.06 -3.57
N ARG B 292 12.93 -5.87 -4.76
CA ARG B 292 13.01 -4.55 -5.38
C ARG B 292 11.68 -4.34 -6.12
N MET B 293 10.64 -4.11 -5.34
CA MET B 293 9.27 -3.94 -5.82
C MET B 293 9.02 -2.71 -6.69
N VAL B 294 9.32 -1.54 -6.13
CA VAL B 294 9.13 -0.28 -6.81
C VAL B 294 9.92 -0.15 -8.10
N GLN B 295 11.15 -0.65 -8.10
CA GLN B 295 12.00 -0.58 -9.28
C GLN B 295 11.57 -1.53 -10.41
N SER B 296 10.70 -2.49 -10.09
CA SER B 296 10.23 -3.50 -11.04
C SER B 296 8.85 -3.20 -11.64
N LYS B 297 8.35 -1.99 -11.40
CA LYS B 297 7.04 -1.58 -11.89
C LYS B 297 6.72 -1.99 -13.33
N LYS B 298 7.60 -1.66 -14.26
CA LYS B 298 7.42 -1.97 -15.67
C LYS B 298 7.36 -3.46 -15.96
N ASP B 299 8.19 -4.22 -15.27
CA ASP B 299 8.20 -5.66 -15.47
C ASP B 299 6.94 -6.30 -14.90
N ILE B 300 6.38 -5.71 -13.85
CA ILE B 300 5.15 -6.26 -13.31
C ILE B 300 3.99 -5.94 -14.25
N GLU B 301 3.99 -4.73 -14.79
CA GLU B 301 2.93 -4.30 -15.69
C GLU B 301 2.85 -5.11 -16.98
N SER B 302 4.00 -5.43 -17.55
CA SER B 302 4.03 -6.18 -18.80
C SER B 302 5.34 -6.94 -18.85
N PRO B 303 5.38 -8.12 -18.22
CA PRO B 303 6.61 -8.89 -18.21
C PRO B 303 6.93 -9.54 -19.55
N GLU B 304 8.20 -9.48 -19.95
CA GLU B 304 8.63 -10.16 -21.17
C GLU B 304 8.61 -11.65 -20.80
N ILE B 305 8.05 -12.48 -21.68
CA ILE B 305 7.97 -13.91 -21.40
C ILE B 305 9.32 -14.62 -21.51
N VAL B 306 9.78 -15.19 -20.40
CA VAL B 306 11.06 -15.89 -20.39
C VAL B 306 10.93 -17.38 -20.03
N VAL B 307 9.72 -17.84 -19.74
CA VAL B 307 9.52 -19.26 -19.44
C VAL B 307 8.33 -19.78 -20.22
N GLN B 308 8.39 -21.03 -20.64
CA GLN B 308 7.30 -21.64 -21.38
C GLN B 308 6.68 -22.74 -20.56
N ALA B 309 5.35 -22.77 -20.51
CA ALA B 309 4.69 -23.83 -19.77
C ALA B 309 4.56 -25.00 -20.72
N THR B 310 4.90 -26.20 -20.24
CA THR B 310 4.77 -27.39 -21.05
C THR B 310 3.39 -27.99 -20.73
N VAL B 311 2.60 -28.27 -21.75
CA VAL B 311 1.28 -28.86 -21.54
C VAL B 311 1.39 -30.36 -21.36
N LEU B 312 0.85 -30.86 -20.25
CA LEU B 312 0.89 -32.27 -19.91
C LEU B 312 -0.33 -33.02 -20.43
#